data_6LE7
#
_entry.id   6LE7
#
_cell.length_a   47.634
_cell.length_b   67.119
_cell.length_c   57.062
_cell.angle_alpha   90.000
_cell.angle_beta   103.657
_cell.angle_gamma   90.000
#
_symmetry.space_group_name_H-M   'P 1 21 1'
#
loop_
_entity.id
_entity.type
_entity.pdbx_description
1 polymer 'Probable endochitinase'
2 non-polymer (4R)-3-(2-hydroxyphenyl)-4-(3-methoxy-4-propoxy-phenyl)-5-(pyridin-3-ylmethyl)-1,4-dihydropyrrolo[3,4-c]pyrazol-6-one
3 water water
#
_entity_poly.entity_id   1
_entity_poly.type   'polypeptide(L)'
_entity_poly.pdbx_seq_one_letter_code
;YIRPCYFTNWAQYRQGRAKFVPEDYTPGLCTHILFAFGWMNADYTVRAYDPADLPNDWAGEGMYRRVNKLKVTDTQLKTL
LSFGGWSFGTALFQGMAASSASRKVFIDSAITFVRTWGFDGIDIDWEYPSGATDMANYVALVKELKAACESEAGSTGKDR
LLVTAAVAAGPATIDAGYDIPNLAPNFDFILLMSYDFFGAWASLVGFNSPLYATTELPAEWNGWNVDSSARYWNQKGMPK
EKIIVGMPTYGRGWTLNNASAINPGTSGSPAKITQYVQEAGVGAYFEFCEMLANGATRYWDSQSQVPYLVQGNQWWSYDD
EESFANKMAYVKREGYGGAFVWTLDFDDFNAGCSNSNGQLYPLISVIAKELGGVIIPKKGG
;
_entity_poly.pdbx_strand_id   A
#
# COMPACT_ATOMS: atom_id res chain seq x y z
N TYR A 1 -15.49 -4.48 7.67
CA TYR A 1 -14.40 -4.54 6.65
C TYR A 1 -13.33 -3.50 6.97
N ILE A 2 -12.11 -3.94 7.17
CA ILE A 2 -10.98 -3.01 7.47
C ILE A 2 -10.59 -2.36 6.13
N ARG A 3 -10.54 -1.04 6.05
CA ARG A 3 -10.21 -0.36 4.78
C ARG A 3 -9.10 0.65 5.03
N PRO A 4 -7.85 0.20 5.14
CA PRO A 4 -6.74 1.07 5.41
C PRO A 4 -6.26 1.79 4.16
N CYS A 5 -5.59 2.90 4.39
CA CYS A 5 -5.04 3.72 3.30
C CYS A 5 -3.64 4.17 3.69
N TYR A 6 -2.73 4.13 2.74
CA TYR A 6 -1.36 4.57 3.05
C TYR A 6 -1.26 6.06 2.77
N PHE A 7 -0.72 6.78 3.75
CA PHE A 7 -0.37 8.21 3.63
C PHE A 7 1.16 8.28 3.53
N THR A 8 1.66 8.90 2.49
CA THR A 8 3.09 9.08 2.37
C THR A 8 3.46 10.53 2.66
N ASN A 9 4.41 10.73 3.57
CA ASN A 9 4.73 12.07 4.03
C ASN A 9 5.63 12.85 3.09
N TRP A 10 6.03 12.29 1.95
CA TRP A 10 6.73 13.06 0.92
C TRP A 10 5.84 13.52 -0.21
N ALA A 11 4.56 13.11 -0.23
CA ALA A 11 3.65 13.54 -1.28
C ALA A 11 3.34 15.03 -1.20
N GLN A 12 3.47 15.62 -0.02
CA GLN A 12 3.39 17.07 0.13
C GLN A 12 4.41 17.83 -0.72
N TYR A 13 5.49 17.17 -1.16
CA TYR A 13 6.51 17.89 -1.91
C TYR A 13 6.31 17.85 -3.42
N ARG A 14 5.34 17.06 -3.93
CA ARG A 14 5.05 17.05 -5.35
C ARG A 14 4.51 18.42 -5.79
N GLN A 15 4.48 18.64 -7.10
CA GLN A 15 4.18 19.96 -7.63
C GLN A 15 2.68 20.14 -7.88
N GLY A 16 2.29 21.42 -7.98
CA GLY A 16 0.94 21.81 -8.38
C GLY A 16 -0.16 20.86 -7.96
N ARG A 17 -0.90 20.32 -8.92
CA ARG A 17 -2.06 19.48 -8.60
C ARG A 17 -1.67 18.20 -7.88
N ALA A 18 -0.42 17.82 -7.87
CA ALA A 18 -0.05 16.57 -7.23
C ALA A 18 0.26 16.72 -5.76
N LYS A 19 0.28 17.95 -5.23
CA LYS A 19 0.69 18.13 -3.85
C LYS A 19 -0.37 17.60 -2.93
N PHE A 20 0.02 16.73 -1.99
CA PHE A 20 -0.94 16.07 -1.11
C PHE A 20 -0.54 16.25 0.33
N VAL A 21 -1.46 16.77 1.12
CA VAL A 21 -1.26 17.01 2.54
C VAL A 21 -2.40 16.28 3.27
N PRO A 22 -2.33 16.09 4.58
CA PRO A 22 -3.42 15.38 5.27
C PRO A 22 -4.76 16.06 5.11
N GLU A 23 -4.78 17.39 4.97
CA GLU A 23 -6.03 18.10 4.85
C GLU A 23 -6.80 17.75 3.59
N ASP A 24 -6.19 17.02 2.65
CA ASP A 24 -6.92 16.47 1.50
C ASP A 24 -7.72 15.22 1.84
N TYR A 25 -7.61 14.71 3.06
CA TYR A 25 -8.39 13.54 3.44
C TYR A 25 -9.84 13.95 3.64
N THR A 26 -10.74 12.99 3.45
CA THR A 26 -12.14 13.26 3.67
C THR A 26 -12.74 12.14 4.51
N PRO A 27 -13.62 12.48 5.47
CA PRO A 27 -14.02 11.50 6.49
C PRO A 27 -14.64 10.24 5.91
N GLY A 28 -14.35 9.13 6.58
CA GLY A 28 -14.86 7.83 6.16
C GLY A 28 -14.24 7.26 4.92
N LEU A 29 -13.27 7.97 4.35
CA LEU A 29 -12.57 7.45 3.17
C LEU A 29 -11.89 6.14 3.57
N CYS A 30 -11.36 6.10 4.78
CA CYS A 30 -10.64 4.91 5.28
C CYS A 30 -11.00 4.63 6.73
N THR A 31 -10.74 3.41 7.20
CA THR A 31 -10.95 3.10 8.62
C THR A 31 -9.60 3.21 9.33
N HIS A 32 -8.52 3.11 8.57
CA HIS A 32 -7.14 3.18 9.10
C HIS A 32 -6.22 3.96 8.16
N ILE A 33 -5.42 4.85 8.71
CA ILE A 33 -4.39 5.55 7.89
C ILE A 33 -3.04 5.02 8.36
N LEU A 34 -2.30 4.42 7.45
CA LEU A 34 -0.93 3.99 7.78
C LEU A 34 0.02 5.12 7.36
N PHE A 35 0.72 5.67 8.32
CA PHE A 35 1.66 6.75 8.07
C PHE A 35 2.97 6.16 7.55
N ALA A 36 3.26 6.42 6.29
CA ALA A 36 4.55 6.01 5.71
C ALA A 36 5.46 7.24 5.63
N PHE A 37 6.57 7.22 6.33
CA PHE A 37 6.90 6.16 7.27
C PHE A 37 7.52 6.77 8.52
N GLY A 38 7.64 5.93 9.52
CA GLY A 38 8.48 6.22 10.69
C GLY A 38 9.89 5.79 10.34
N TRP A 39 10.88 6.26 11.10
CA TRP A 39 12.29 5.94 10.75
C TRP A 39 13.02 5.31 11.93
N MET A 40 14.24 4.88 11.66
CA MET A 40 15.01 4.16 12.65
C MET A 40 16.42 4.76 12.73
N ASN A 41 16.98 4.72 13.93
CA ASN A 41 18.36 5.11 14.15
C ASN A 41 19.27 3.90 14.02
N ALA A 42 20.58 4.16 13.89
CA ALA A 42 21.53 3.07 13.73
C ALA A 42 21.49 2.10 14.91
N ASP A 43 21.13 2.60 16.10
CA ASP A 43 21.00 1.73 17.27
C ASP A 43 19.62 1.10 17.36
N TYR A 44 18.81 1.24 16.31
CA TYR A 44 17.47 0.65 16.16
C TYR A 44 16.41 1.40 16.96
N THR A 45 16.73 2.48 17.67
CA THR A 45 15.69 3.34 18.24
C THR A 45 14.88 3.97 17.11
N VAL A 46 13.71 4.50 17.48
CA VAL A 46 12.79 5.07 16.51
C VAL A 46 12.98 6.57 16.45
N ARG A 47 12.87 7.13 15.24
CA ARG A 47 12.89 8.57 15.04
C ARG A 47 11.96 8.88 13.88
N ALA A 48 11.69 10.18 13.73
CA ALA A 48 10.91 10.69 12.62
C ALA A 48 11.68 10.58 11.32
N TYR A 49 10.97 10.21 10.26
CA TYR A 49 11.55 10.14 8.93
C TYR A 49 11.89 11.54 8.43
N ASP A 50 10.98 12.47 8.61
CA ASP A 50 11.11 13.83 8.12
C ASP A 50 11.04 14.78 9.32
N PRO A 51 11.92 15.78 9.40
CA PRO A 51 11.80 16.77 10.49
C PRO A 51 10.43 17.44 10.51
N ALA A 52 9.84 17.63 9.33
CA ALA A 52 8.51 18.20 9.20
C ALA A 52 7.41 17.29 9.74
N ASP A 53 7.76 16.11 10.27
CA ASP A 53 6.76 15.23 10.87
C ASP A 53 6.37 15.71 12.25
N LEU A 54 7.33 16.28 12.98
CA LEU A 54 7.19 16.78 14.32
C LEU A 54 6.82 18.25 14.28
N PRO A 55 6.18 18.75 15.31
CA PRO A 55 5.88 20.19 15.34
C PRO A 55 7.20 20.96 15.28
N ASN A 56 7.26 21.91 14.35
CA ASN A 56 8.48 22.67 14.08
C ASN A 56 8.13 24.13 13.93
N ASP A 57 9.13 24.94 13.56
CA ASP A 57 8.96 26.40 13.35
C ASP A 57 8.60 26.70 11.89
N TRP A 58 9.03 25.86 10.96
CA TRP A 58 8.73 26.11 9.54
C TRP A 58 7.36 25.55 9.09
N ALA A 59 7.02 24.30 9.37
CA ALA A 59 5.74 23.77 8.85
C ALA A 59 4.64 23.89 9.89
N GLY A 60 4.99 23.99 11.18
CA GLY A 60 3.98 24.20 12.23
C GLY A 60 3.65 22.99 13.05
N GLU A 61 2.42 22.50 12.93
CA GLU A 61 1.95 21.30 13.69
C GLU A 61 2.75 20.06 13.32
N GLY A 62 3.13 19.93 12.06
CA GLY A 62 3.87 18.77 11.63
C GLY A 62 2.94 17.66 11.17
N MET A 63 3.49 16.75 10.36
CA MET A 63 2.64 15.80 9.65
C MET A 63 2.04 14.75 10.57
N TYR A 64 2.71 14.39 11.66
CA TYR A 64 2.13 13.43 12.61
C TYR A 64 0.81 13.95 13.14
N ARG A 65 0.84 15.16 13.72
CA ARG A 65 -0.36 15.77 14.26
C ARG A 65 -1.37 16.07 13.17
N ARG A 66 -0.91 16.47 11.97
CA ARG A 66 -1.87 16.80 10.93
C ARG A 66 -2.59 15.56 10.41
N VAL A 67 -1.95 14.40 10.47
CA VAL A 67 -2.63 13.16 10.15
C VAL A 67 -3.52 12.72 11.31
N ASN A 68 -3.01 12.80 12.54
CA ASN A 68 -3.79 12.32 13.67
C ASN A 68 -4.96 13.25 13.98
N LYS A 69 -4.83 14.53 13.66
CA LYS A 69 -5.92 15.50 13.88
C LYS A 69 -7.11 15.12 13.01
N LEU A 70 -6.92 14.19 12.07
CA LEU A 70 -8.04 13.73 11.19
C LEU A 70 -9.08 12.87 11.94
N LYS A 71 -8.73 12.37 13.11
CA LYS A 71 -9.53 11.54 14.02
C LYS A 71 -10.60 12.34 14.75
N VAL A 72 -10.58 13.67 14.65
CA VAL A 72 -11.62 14.49 15.32
C VAL A 72 -12.83 14.56 14.39
N THR A 73 -12.62 14.67 13.08
CA THR A 73 -13.76 14.74 12.15
C THR A 73 -14.05 13.36 11.55
N ASP A 74 -13.17 12.40 11.78
CA ASP A 74 -13.45 11.01 11.37
C ASP A 74 -13.33 10.16 12.62
N THR A 75 -14.40 10.14 13.44
CA THR A 75 -14.30 9.67 14.81
C THR A 75 -14.06 8.17 14.92
N GLN A 76 -14.27 7.39 13.85
CA GLN A 76 -13.94 5.97 13.90
C GLN A 76 -12.62 5.66 13.21
N LEU A 77 -11.89 6.68 12.74
CA LEU A 77 -10.61 6.45 12.07
C LEU A 77 -9.50 6.13 13.08
N LYS A 78 -8.66 5.14 12.73
CA LYS A 78 -7.48 4.80 13.50
C LYS A 78 -6.24 5.05 12.66
N THR A 79 -5.14 5.39 13.31
CA THR A 79 -3.88 5.62 12.62
C THR A 79 -2.83 4.61 13.06
N LEU A 80 -1.86 4.38 12.19
CA LEU A 80 -0.74 3.50 12.48
C LEU A 80 0.54 4.12 11.90
N LEU A 81 1.64 3.87 12.57
CA LEU A 81 2.95 4.33 12.11
C LEU A 81 3.65 3.15 11.44
N SER A 82 3.98 3.31 10.16
CA SER A 82 4.59 2.26 9.37
C SER A 82 6.09 2.44 9.32
N PHE A 83 6.80 1.31 9.26
CA PHE A 83 8.25 1.29 9.23
C PHE A 83 8.71 0.41 8.08
N GLY A 84 9.64 0.94 7.28
CA GLY A 84 10.22 0.16 6.22
C GLY A 84 9.93 0.69 4.83
N GLY A 85 9.25 -0.12 4.03
CA GLY A 85 9.10 0.19 2.62
C GLY A 85 10.26 -0.35 1.79
N TRP A 86 10.17 -0.14 0.49
CA TRP A 86 11.20 -0.68 -0.39
C TRP A 86 12.50 0.14 -0.34
N SER A 87 12.38 1.47 -0.28
CA SER A 87 13.57 2.33 -0.25
C SER A 87 14.39 2.12 1.02
N PHE A 88 13.73 1.68 2.09
CA PHE A 88 14.41 1.38 3.33
C PHE A 88 15.39 0.20 3.19
N GLY A 89 15.15 -0.71 2.24
CA GLY A 89 16.01 -1.88 2.12
C GLY A 89 15.92 -2.78 3.35
N THR A 90 16.88 -3.72 3.45
CA THR A 90 16.81 -4.73 4.49
C THR A 90 17.94 -4.71 5.52
N ALA A 91 19.04 -3.97 5.29
CA ALA A 91 20.21 -4.14 6.15
C ALA A 91 19.91 -3.74 7.59
N LEU A 92 19.12 -2.69 7.80
CA LEU A 92 18.80 -2.25 9.16
C LEU A 92 17.76 -3.17 9.82
N PHE A 93 16.77 -3.64 9.07
CA PHE A 93 15.87 -4.66 9.61
C PHE A 93 16.65 -5.89 10.06
N GLN A 94 17.58 -6.35 9.22
CA GLN A 94 18.31 -7.59 9.52
C GLN A 94 19.09 -7.46 10.82
N GLY A 95 19.64 -6.28 11.07
CA GLY A 95 20.40 -6.06 12.28
C GLY A 95 19.48 -5.91 13.47
N MET A 96 18.45 -5.10 13.32
CA MET A 96 17.51 -4.86 14.44
C MET A 96 16.87 -6.17 14.88
N ALA A 97 16.57 -7.08 13.97
CA ALA A 97 15.84 -8.31 14.37
C ALA A 97 16.78 -9.42 14.83
N ALA A 98 18.08 -9.19 14.80
CA ALA A 98 19.07 -10.25 15.01
C ALA A 98 19.05 -10.91 16.39
N SER A 99 18.61 -10.19 17.43
CA SER A 99 18.65 -10.79 18.78
C SER A 99 17.49 -10.29 19.62
N SER A 100 17.29 -10.98 20.73
CA SER A 100 16.24 -10.57 21.66
C SER A 100 16.48 -9.15 22.14
N ALA A 101 17.74 -8.79 22.39
CA ALA A 101 18.03 -7.46 22.93
C ALA A 101 18.00 -6.39 21.85
N SER A 102 18.39 -6.70 20.61
CA SER A 102 18.30 -5.69 19.56
C SER A 102 16.84 -5.45 19.19
N ARG A 103 16.01 -6.50 19.20
CA ARG A 103 14.59 -6.34 18.93
C ARG A 103 13.91 -5.51 20.01
N LYS A 104 14.14 -5.87 21.27
CA LYS A 104 13.48 -5.14 22.39
C LYS A 104 13.79 -3.64 22.35
N VAL A 105 14.98 -3.25 21.92
CA VAL A 105 15.34 -1.80 21.88
C VAL A 105 14.38 -1.13 20.91
N PHE A 106 14.16 -1.74 19.75
CA PHE A 106 13.26 -1.15 18.74
C PHE A 106 11.84 -1.19 19.29
N ILE A 107 11.43 -2.37 19.73
CA ILE A 107 10.05 -2.59 20.26
C ILE A 107 9.72 -1.54 21.33
N ASP A 108 10.56 -1.41 22.35
CA ASP A 108 10.26 -0.43 23.43
C ASP A 108 10.26 0.99 22.87
N SER A 109 11.22 1.28 22.01
CA SER A 109 11.33 2.64 21.44
C SER A 109 10.09 2.92 20.57
N ALA A 110 9.64 1.92 19.83
CA ALA A 110 8.52 2.16 18.93
C ALA A 110 7.23 2.36 19.70
N ILE A 111 6.96 1.49 20.68
CA ILE A 111 5.71 1.62 21.44
C ILE A 111 5.65 2.96 22.15
N THR A 112 6.76 3.37 22.77
CA THR A 112 6.83 4.70 23.38
C THR A 112 6.56 5.78 22.33
N PHE A 113 7.21 5.66 21.18
CA PHE A 113 7.09 6.67 20.12
C PHE A 113 5.64 6.85 19.68
N VAL A 114 4.93 5.74 19.39
CA VAL A 114 3.59 5.88 18.85
C VAL A 114 2.65 6.44 19.90
N ARG A 115 2.81 6.04 21.16
CA ARG A 115 1.97 6.60 22.22
C ARG A 115 2.27 8.07 22.43
N THR A 116 3.51 8.49 22.20
CA THR A 116 3.84 9.90 22.29
C THR A 116 3.13 10.70 21.21
N TRP A 117 3.18 10.21 19.96
CA TRP A 117 2.78 10.98 18.79
C TRP A 117 1.37 10.68 18.31
N GLY A 118 0.62 9.87 19.06
CA GLY A 118 -0.81 9.74 18.85
C GLY A 118 -1.22 8.68 17.88
N PHE A 119 -0.37 7.69 17.61
CA PHE A 119 -0.73 6.61 16.72
C PHE A 119 -1.27 5.43 17.50
N ASP A 120 -2.13 4.66 16.85
CA ASP A 120 -2.79 3.51 17.45
C ASP A 120 -2.17 2.19 17.02
N GLY A 121 -0.95 2.20 16.47
CA GLY A 121 -0.36 0.92 16.16
C GLY A 121 0.88 1.03 15.32
N ILE A 122 1.54 -0.10 15.18
CA ILE A 122 2.88 -0.22 14.60
C ILE A 122 2.82 -1.19 13.43
N ASP A 123 3.24 -0.72 12.25
CA ASP A 123 3.15 -1.48 11.01
C ASP A 123 4.56 -1.73 10.50
N ILE A 124 4.92 -3.00 10.26
CA ILE A 124 6.26 -3.36 9.79
C ILE A 124 6.17 -3.70 8.32
N ASP A 125 6.81 -2.89 7.48
CA ASP A 125 6.89 -3.17 6.06
C ASP A 125 8.33 -3.50 5.72
N TRP A 126 8.84 -4.57 6.32
CA TRP A 126 10.17 -5.08 5.96
C TRP A 126 10.09 -5.74 4.59
N GLU A 127 10.87 -5.23 3.65
CA GLU A 127 10.82 -5.71 2.27
C GLU A 127 12.17 -6.23 1.77
N TYR A 128 12.49 -7.51 1.97
CA TYR A 128 11.66 -8.53 2.62
C TYR A 128 12.53 -9.41 3.51
N PRO A 129 11.97 -10.04 4.54
CA PRO A 129 12.74 -11.08 5.24
C PRO A 129 12.97 -12.26 4.29
N SER A 130 14.19 -12.80 4.31
CA SER A 130 14.57 -13.81 3.32
C SER A 130 15.58 -14.77 3.94
N GLY A 131 15.22 -16.05 4.00
CA GLY A 131 16.13 -17.06 4.51
C GLY A 131 15.80 -17.46 5.94
N ALA A 132 16.34 -18.61 6.33
CA ALA A 132 16.06 -19.20 7.63
C ALA A 132 16.33 -18.23 8.77
N THR A 133 17.50 -17.58 8.75
CA THR A 133 17.82 -16.62 9.80
C THR A 133 16.78 -15.50 9.87
N ASP A 134 16.50 -14.88 8.71
CA ASP A 134 15.49 -13.84 8.68
C ASP A 134 14.12 -14.36 9.08
N MET A 135 13.74 -15.54 8.57
CA MET A 135 12.41 -16.07 8.80
C MET A 135 12.15 -16.25 10.29
N ALA A 136 13.11 -16.82 11.02
CA ALA A 136 12.93 -17.04 12.45
C ALA A 136 13.01 -15.73 13.23
N ASN A 137 13.89 -14.83 12.83
CA ASN A 137 14.00 -13.54 13.54
C ASN A 137 12.76 -12.70 13.28
N TYR A 138 12.12 -12.86 12.13
CA TYR A 138 10.93 -12.04 11.84
C TYR A 138 9.80 -12.54 12.73
N VAL A 139 9.64 -13.84 12.82
CA VAL A 139 8.58 -14.43 13.67
C VAL A 139 8.84 -13.99 15.10
N ALA A 140 10.09 -13.92 15.53
CA ALA A 140 10.39 -13.50 16.89
C ALA A 140 10.02 -12.03 17.12
N LEU A 141 10.28 -11.17 16.13
CA LEU A 141 9.97 -9.76 16.26
C LEU A 141 8.47 -9.52 16.43
N VAL A 142 7.64 -10.13 15.59
CA VAL A 142 6.20 -9.88 15.64
C VAL A 142 5.59 -10.46 16.91
N LYS A 143 6.05 -11.63 17.33
CA LYS A 143 5.59 -12.19 18.59
C LYS A 143 5.99 -11.31 19.77
N GLU A 144 7.24 -10.85 19.76
CA GLU A 144 7.75 -10.01 20.87
C GLU A 144 7.10 -8.63 20.85
N LEU A 145 6.84 -8.10 19.65
CA LEU A 145 6.16 -6.81 19.51
C LEU A 145 4.76 -6.95 20.08
N LYS A 146 3.99 -7.93 19.63
CA LYS A 146 2.62 -8.13 20.15
C LYS A 146 2.67 -8.32 21.65
N ALA A 147 3.59 -9.13 22.15
CA ALA A 147 3.77 -9.39 23.59
C ALA A 147 3.93 -8.06 24.34
N ALA A 148 4.78 -7.17 23.84
CA ALA A 148 4.98 -5.87 24.50
C ALA A 148 3.70 -5.01 24.43
N CYS A 149 3.00 -5.04 23.30
CA CYS A 149 1.80 -4.25 23.15
C CYS A 149 0.70 -4.74 24.10
N GLU A 150 0.59 -6.07 24.27
CA GLU A 150 -0.36 -6.59 25.25
C GLU A 150 0.00 -6.12 26.65
N SER A 151 1.28 -6.21 27.02
CA SER A 151 1.71 -5.77 28.33
C SER A 151 1.36 -4.30 28.56
N GLU A 152 1.87 -3.43 27.67
CA GLU A 152 1.61 -2.00 27.76
C GLU A 152 0.13 -1.71 27.93
N ALA A 153 -0.72 -2.37 27.13
CA ALA A 153 -2.16 -2.23 27.30
C ALA A 153 -2.60 -2.70 28.68
N GLY A 154 -2.10 -3.88 29.10
CA GLY A 154 -2.43 -4.37 30.44
C GLY A 154 -2.02 -3.39 31.52
N SER A 155 -0.84 -2.81 31.41
CA SER A 155 -0.37 -1.88 32.43
C SER A 155 -1.10 -0.55 32.37
N THR A 156 -1.29 0.00 31.17
CA THR A 156 -1.82 1.35 31.04
C THR A 156 -3.33 1.43 31.10
N GLY A 157 -4.02 0.34 30.74
CA GLY A 157 -5.45 0.38 30.59
C GLY A 157 -5.92 0.88 29.24
N LYS A 158 -5.03 1.35 28.38
CA LYS A 158 -5.41 1.82 27.06
C LYS A 158 -5.74 0.64 26.15
N ASP A 159 -6.47 0.94 25.07
CA ASP A 159 -6.71 -0.09 24.06
C ASP A 159 -5.38 -0.51 23.44
N ARG A 160 -5.23 -1.79 23.20
CA ARG A 160 -3.94 -2.33 22.77
C ARG A 160 -3.57 -1.84 21.37
N LEU A 161 -2.29 -1.43 21.23
CA LEU A 161 -1.74 -1.08 19.93
C LEU A 161 -1.93 -2.21 18.92
N LEU A 162 -2.17 -1.81 17.68
CA LEU A 162 -2.33 -2.76 16.57
C LEU A 162 -0.94 -3.18 16.11
N VAL A 163 -0.85 -4.39 15.60
CA VAL A 163 0.43 -4.92 15.08
C VAL A 163 0.12 -5.47 13.70
N THR A 164 0.57 -4.78 12.68
CA THR A 164 0.32 -5.24 11.31
C THR A 164 1.64 -5.24 10.52
N ALA A 165 1.54 -5.72 9.30
CA ALA A 165 2.66 -5.77 8.39
C ALA A 165 2.15 -5.71 6.96
N ALA A 166 2.90 -5.02 6.11
CA ALA A 166 2.76 -5.15 4.67
C ALA A 166 3.67 -6.28 4.22
N VAL A 167 3.10 -7.25 3.50
CA VAL A 167 3.76 -8.52 3.29
C VAL A 167 3.76 -8.84 1.81
N ALA A 168 4.71 -9.69 1.41
CA ALA A 168 4.91 -10.04 0.01
C ALA A 168 3.75 -10.87 -0.54
N ALA A 169 3.47 -10.66 -1.83
CA ALA A 169 2.46 -11.43 -2.53
C ALA A 169 3.06 -12.49 -3.45
N GLY A 170 4.37 -12.44 -3.69
CA GLY A 170 5.03 -13.39 -4.56
C GLY A 170 5.37 -14.70 -3.87
N PRO A 171 4.89 -15.82 -4.45
CA PRO A 171 5.11 -17.15 -3.82
C PRO A 171 6.54 -17.43 -3.36
N ALA A 172 7.53 -17.16 -4.18
CA ALA A 172 8.90 -17.44 -3.78
C ALA A 172 9.33 -16.53 -2.64
N THR A 173 8.95 -15.25 -2.70
CA THR A 173 9.24 -14.37 -1.59
C THR A 173 8.51 -14.81 -0.34
N ILE A 174 7.23 -15.19 -0.49
CA ILE A 174 6.44 -15.66 0.65
C ILE A 174 7.10 -16.86 1.29
N ASP A 175 7.56 -17.81 0.47
CA ASP A 175 8.17 -19.03 1.00
C ASP A 175 9.49 -18.76 1.69
N ALA A 176 10.34 -17.93 1.08
CA ALA A 176 11.66 -17.71 1.63
C ALA A 176 11.64 -16.91 2.92
N GLY A 177 10.53 -16.24 3.25
CA GLY A 177 10.58 -15.25 4.30
C GLY A 177 9.65 -15.39 5.49
N TYR A 178 8.50 -16.04 5.31
CA TYR A 178 7.41 -15.96 6.27
C TYR A 178 7.03 -17.35 6.78
N ASP A 179 7.10 -17.54 8.09
CA ASP A 179 6.57 -18.76 8.76
C ASP A 179 5.13 -18.42 9.14
N ILE A 180 4.21 -18.50 8.21
CA ILE A 180 2.85 -17.94 8.45
C ILE A 180 2.16 -18.48 9.70
N PRO A 181 2.10 -19.80 9.94
CA PRO A 181 1.46 -20.33 11.13
C PRO A 181 1.93 -19.68 12.43
N ASN A 182 3.23 -19.37 12.51
CA ASN A 182 3.86 -18.75 13.69
C ASN A 182 3.72 -17.22 13.62
N LEU A 183 3.19 -16.69 12.53
CA LEU A 183 3.01 -15.23 12.39
C LEU A 183 1.55 -14.82 12.61
N ALA A 184 0.61 -15.56 12.04
CA ALA A 184 -0.85 -15.29 12.03
C ALA A 184 -1.43 -14.92 13.40
N PRO A 185 -1.21 -15.68 14.50
CA PRO A 185 -1.77 -15.32 15.79
C PRO A 185 -1.26 -13.99 16.40
N ASN A 186 -0.09 -13.49 15.96
CA ASN A 186 0.52 -12.24 16.51
C ASN A 186 0.24 -11.02 15.63
N PHE A 187 -0.43 -11.20 14.50
CA PHE A 187 -0.78 -10.06 13.61
C PHE A 187 -2.26 -9.69 13.77
N ASP A 188 -2.57 -8.40 13.81
CA ASP A 188 -3.99 -7.98 13.86
C ASP A 188 -4.56 -8.23 12.46
N PHE A 189 -3.79 -7.89 11.45
CA PHE A 189 -4.11 -8.14 10.03
C PHE A 189 -2.86 -7.91 9.21
N ILE A 190 -2.85 -8.43 8.01
CA ILE A 190 -1.69 -8.18 7.14
C ILE A 190 -2.18 -7.42 5.91
N LEU A 191 -1.38 -6.44 5.49
CA LEU A 191 -1.65 -5.69 4.28
C LEU A 191 -0.95 -6.41 3.13
N LEU A 192 -1.73 -7.21 2.37
CA LEU A 192 -1.15 -8.06 1.33
C LEU A 192 -0.74 -7.19 0.14
N MET A 193 0.54 -7.18 -0.19
CA MET A 193 1.01 -6.31 -1.27
C MET A 193 0.72 -6.94 -2.64
N SER A 194 -0.57 -7.10 -2.93
CA SER A 194 -1.03 -7.76 -4.15
C SER A 194 -0.98 -6.77 -5.33
N TYR A 195 0.24 -6.42 -5.71
CA TYR A 195 0.52 -5.56 -6.88
C TYR A 195 2.03 -5.60 -7.12
N ASP A 196 2.50 -4.78 -8.07
CA ASP A 196 3.84 -4.90 -8.63
C ASP A 196 4.16 -6.35 -9.00
N PHE A 197 3.18 -7.03 -9.61
CA PHE A 197 3.49 -8.34 -10.16
C PHE A 197 4.35 -8.23 -11.40
N PHE A 198 4.03 -7.29 -12.29
CA PHE A 198 4.83 -7.03 -13.47
C PHE A 198 5.20 -5.55 -13.47
N GLY A 199 6.30 -5.22 -14.12
CA GLY A 199 6.78 -3.85 -14.00
C GLY A 199 7.97 -3.61 -14.90
N ALA A 200 8.31 -2.32 -15.03
CA ALA A 200 9.38 -1.85 -15.93
C ALA A 200 10.75 -2.43 -15.59
N TRP A 201 10.92 -3.07 -14.43
CA TRP A 201 12.18 -3.74 -14.15
C TRP A 201 12.47 -4.85 -15.15
N ALA A 202 11.44 -5.33 -15.85
CA ALA A 202 11.57 -6.39 -16.82
C ALA A 202 10.96 -5.95 -18.14
N SER A 203 11.30 -6.68 -19.20
CA SER A 203 10.78 -6.38 -20.53
C SER A 203 9.40 -6.96 -20.74
N LEU A 204 9.02 -7.94 -19.92
CA LEU A 204 7.71 -8.55 -20.07
C LEU A 204 6.63 -7.52 -19.73
N VAL A 205 5.89 -7.10 -20.75
CA VAL A 205 4.81 -6.14 -20.61
C VAL A 205 3.61 -6.84 -19.97
N GLY A 206 3.31 -6.49 -18.72
CA GLY A 206 2.31 -7.20 -17.97
C GLY A 206 1.45 -6.26 -17.16
N PHE A 207 0.73 -6.81 -16.18
CA PHE A 207 -0.21 -6.05 -15.37
C PHE A 207 0.32 -5.86 -13.97
N ASN A 208 0.12 -4.65 -13.45
CA ASN A 208 0.61 -4.32 -12.11
C ASN A 208 -0.12 -5.15 -11.06
N SER A 209 -1.42 -5.34 -11.25
CA SER A 209 -2.23 -5.96 -10.20
C SER A 209 -3.37 -6.74 -10.83
N PRO A 210 -3.07 -7.70 -11.72
CA PRO A 210 -4.15 -8.50 -12.31
C PRO A 210 -4.86 -9.29 -11.23
N LEU A 211 -6.20 -9.25 -11.25
CA LEU A 211 -6.97 -10.03 -10.30
C LEU A 211 -6.74 -11.53 -10.52
N TYR A 212 -6.82 -11.97 -11.76
CA TYR A 212 -6.54 -13.34 -12.13
C TYR A 212 -5.43 -13.39 -13.17
N ALA A 213 -4.92 -14.59 -13.40
CA ALA A 213 -3.94 -14.81 -14.44
C ALA A 213 -4.60 -14.71 -15.81
N THR A 214 -3.79 -14.46 -16.82
CA THR A 214 -4.24 -14.42 -18.21
C THR A 214 -3.31 -15.28 -19.05
N THR A 215 -3.89 -16.05 -19.96
CA THR A 215 -3.11 -16.86 -20.89
C THR A 215 -2.32 -16.01 -21.88
N GLU A 216 -2.52 -14.69 -21.89
CA GLU A 216 -1.67 -13.81 -22.68
C GLU A 216 -0.26 -13.73 -22.13
N LEU A 217 -0.06 -14.09 -20.86
CA LEU A 217 1.28 -14.11 -20.27
C LEU A 217 1.71 -15.56 -20.07
N PRO A 218 3.01 -15.83 -20.11
CA PRO A 218 3.46 -17.22 -20.01
C PRO A 218 3.03 -17.88 -18.72
N ALA A 219 2.72 -19.18 -18.82
CA ALA A 219 2.16 -19.92 -17.70
C ALA A 219 3.02 -19.83 -16.44
N GLU A 220 4.34 -19.66 -16.59
CA GLU A 220 5.21 -19.63 -15.42
C GLU A 220 4.81 -18.55 -14.42
N TRP A 221 4.01 -17.57 -14.85
CA TRP A 221 3.56 -16.46 -14.02
C TRP A 221 2.14 -16.63 -13.51
N ASN A 222 1.55 -17.82 -13.67
CA ASN A 222 0.17 -18.06 -13.28
C ASN A 222 -0.11 -17.74 -11.83
N GLY A 223 0.93 -17.68 -10.99
CA GLY A 223 0.73 -17.35 -9.59
C GLY A 223 0.83 -15.89 -9.24
N TRP A 224 1.22 -15.05 -10.20
CA TRP A 224 1.48 -13.64 -9.91
C TRP A 224 0.22 -12.83 -10.22
N ASN A 225 -0.73 -12.89 -9.29
CA ASN A 225 -1.98 -12.15 -9.42
C ASN A 225 -2.63 -12.11 -8.05
N VAL A 226 -3.61 -11.20 -7.93
CA VAL A 226 -4.27 -10.93 -6.66
C VAL A 226 -4.87 -12.20 -6.07
N ASP A 227 -5.70 -12.89 -6.86
CA ASP A 227 -6.41 -14.04 -6.35
C ASP A 227 -5.46 -15.12 -5.85
N SER A 228 -4.39 -15.39 -6.60
CA SER A 228 -3.48 -16.46 -6.20
C SER A 228 -2.77 -16.13 -4.91
N SER A 229 -2.29 -14.89 -4.78
CA SER A 229 -1.53 -14.54 -3.57
C SER A 229 -2.43 -14.55 -2.33
N ALA A 230 -3.67 -14.06 -2.44
CA ALA A 230 -4.56 -14.05 -1.29
C ALA A 230 -4.88 -15.47 -0.85
N ARG A 231 -5.20 -16.33 -1.82
CA ARG A 231 -5.36 -17.76 -1.55
C ARG A 231 -4.13 -18.35 -0.89
N TYR A 232 -2.94 -17.97 -1.39
CA TYR A 232 -1.70 -18.52 -0.86
C TYR A 232 -1.53 -18.18 0.62
N TRP A 233 -1.81 -16.93 0.99
CA TRP A 233 -1.70 -16.58 2.40
C TRP A 233 -2.76 -17.29 3.22
N ASN A 234 -3.98 -17.41 2.69
CA ASN A 234 -4.99 -18.18 3.41
C ASN A 234 -4.55 -19.64 3.54
N GLN A 235 -3.99 -20.20 2.47
CA GLN A 235 -3.68 -21.63 2.50
C GLN A 235 -2.55 -21.95 3.45
N LYS A 236 -1.59 -21.03 3.62
CA LYS A 236 -0.47 -21.26 4.51
C LYS A 236 -0.79 -20.96 5.96
N GLY A 237 -1.98 -20.44 6.27
CA GLY A 237 -2.39 -20.37 7.65
C GLY A 237 -2.76 -19.00 8.16
N MET A 238 -2.91 -18.03 7.27
CA MET A 238 -3.46 -16.75 7.68
C MET A 238 -4.98 -16.77 7.49
N PRO A 239 -5.76 -16.49 8.54
CA PRO A 239 -7.22 -16.44 8.37
C PRO A 239 -7.59 -15.31 7.41
N LYS A 240 -8.72 -15.49 6.75
CA LYS A 240 -9.17 -14.54 5.74
C LYS A 240 -9.52 -13.18 6.34
N GLU A 241 -10.10 -13.18 7.53
CA GLU A 241 -10.45 -11.89 8.14
C GLU A 241 -9.23 -11.04 8.42
N LYS A 242 -8.04 -11.63 8.36
CA LYS A 242 -6.78 -10.92 8.51
C LYS A 242 -6.10 -10.60 7.19
N ILE A 243 -6.61 -11.06 6.06
CA ILE A 243 -5.96 -10.80 4.78
C ILE A 243 -6.62 -9.59 4.15
N ILE A 244 -5.91 -8.47 4.13
CA ILE A 244 -6.42 -7.22 3.57
C ILE A 244 -5.82 -7.06 2.18
N VAL A 245 -6.68 -7.08 1.16
CA VAL A 245 -6.22 -7.13 -0.23
C VAL A 245 -5.70 -5.77 -0.66
N GLY A 246 -4.54 -5.76 -1.32
CA GLY A 246 -3.91 -4.52 -1.73
C GLY A 246 -4.41 -3.99 -3.06
N MET A 247 -4.53 -2.67 -3.13
CA MET A 247 -5.15 -1.97 -4.26
C MET A 247 -4.25 -0.81 -4.67
N PRO A 248 -3.74 -0.79 -5.89
CA PRO A 248 -2.85 0.30 -6.29
C PRO A 248 -3.63 1.42 -6.96
N THR A 249 -3.39 2.67 -6.55
CA THR A 249 -3.87 3.84 -7.28
C THR A 249 -2.85 4.36 -8.29
N TYR A 250 -1.64 3.78 -8.31
CA TYR A 250 -0.63 4.02 -9.33
C TYR A 250 -0.69 2.92 -10.39
N GLY A 251 0.13 3.08 -11.42
CA GLY A 251 0.24 2.06 -12.46
C GLY A 251 1.69 1.94 -12.88
N ARG A 252 1.95 0.93 -13.72
CA ARG A 252 3.29 0.60 -14.19
C ARG A 252 3.28 0.55 -15.71
N GLY A 253 4.30 1.12 -16.33
CA GLY A 253 4.24 1.38 -17.76
C GLY A 253 5.54 1.07 -18.46
N TRP A 254 5.45 0.99 -19.78
CA TRP A 254 6.52 0.53 -20.65
C TRP A 254 6.61 1.41 -21.88
N THR A 255 7.83 1.56 -22.41
CA THR A 255 8.04 2.07 -23.76
C THR A 255 8.14 0.85 -24.67
N LEU A 256 7.11 0.63 -25.50
CA LEU A 256 7.05 -0.59 -26.30
C LEU A 256 8.28 -0.71 -27.19
N ASN A 257 8.71 -1.94 -27.46
CA ASN A 257 9.77 -2.11 -28.45
C ASN A 257 9.23 -1.99 -29.86
N ASN A 258 7.97 -2.38 -30.06
CA ASN A 258 7.31 -2.31 -31.35
C ASN A 258 5.92 -1.70 -31.11
N ALA A 259 5.69 -0.51 -31.67
CA ALA A 259 4.48 0.24 -31.37
C ALA A 259 3.21 -0.48 -31.84
N SER A 260 3.30 -1.36 -32.80
CA SER A 260 2.13 -2.11 -33.26
C SER A 260 2.00 -3.47 -32.58
N ALA A 261 2.86 -3.77 -31.60
CA ALA A 261 2.75 -4.96 -30.75
C ALA A 261 2.33 -4.47 -29.36
N ILE A 262 1.02 -4.38 -29.14
CA ILE A 262 0.43 -3.72 -27.98
C ILE A 262 -0.30 -4.69 -27.06
N ASN A 263 -0.18 -5.98 -27.29
CA ASN A 263 -0.87 -6.94 -26.46
C ASN A 263 -0.13 -7.20 -25.15
N PRO A 264 -0.86 -7.52 -24.09
CA PRO A 264 -0.22 -7.99 -22.86
C PRO A 264 0.72 -9.14 -23.19
N GLY A 265 1.93 -9.10 -22.62
CA GLY A 265 2.94 -10.09 -22.94
C GLY A 265 3.91 -9.69 -24.02
N THR A 266 3.71 -8.53 -24.66
CA THR A 266 4.72 -7.97 -25.57
C THR A 266 5.95 -7.59 -24.76
N SER A 267 6.89 -6.88 -25.38
CA SER A 267 8.13 -6.51 -24.71
C SER A 267 8.38 -5.01 -24.83
N GLY A 268 9.04 -4.47 -23.81
CA GLY A 268 9.29 -3.03 -23.81
C GLY A 268 10.33 -2.66 -22.78
N SER A 269 10.65 -1.37 -22.76
CA SER A 269 11.57 -0.80 -21.78
C SER A 269 10.74 0.12 -20.88
N PRO A 270 11.32 0.76 -19.86
CA PRO A 270 10.50 1.59 -18.98
C PRO A 270 9.76 2.67 -19.75
N ALA A 271 8.65 3.10 -19.17
CA ALA A 271 7.86 4.15 -19.78
C ALA A 271 8.58 5.48 -19.65
N LYS A 272 8.23 6.42 -20.52
CA LYS A 272 8.68 7.80 -20.33
C LYS A 272 8.21 8.32 -18.97
N ILE A 273 9.02 9.20 -18.37
CA ILE A 273 8.70 9.75 -17.06
C ILE A 273 7.40 10.54 -17.15
N THR A 274 6.57 10.45 -16.13
CA THR A 274 5.39 11.28 -16.10
C THR A 274 5.67 12.52 -15.25
N GLN A 275 4.78 13.50 -15.39
CA GLN A 275 5.09 14.85 -14.93
C GLN A 275 5.27 14.89 -13.42
N TYR A 276 4.37 14.26 -12.68
CA TYR A 276 4.34 14.50 -11.23
C TYR A 276 5.00 13.39 -10.42
N VAL A 277 4.85 12.13 -10.82
CA VAL A 277 5.47 11.04 -10.08
C VAL A 277 6.99 11.04 -10.28
N GLN A 278 7.45 11.42 -11.45
CA GLN A 278 8.87 11.53 -11.74
C GLN A 278 9.60 10.24 -11.38
N GLU A 279 9.08 9.12 -11.88
CA GLU A 279 9.79 7.85 -11.73
C GLU A 279 9.45 6.98 -12.93
N ALA A 280 10.45 6.72 -13.78
CA ALA A 280 10.20 6.04 -15.04
C ALA A 280 9.53 4.70 -14.81
N GLY A 281 8.52 4.40 -15.64
CA GLY A 281 7.76 3.18 -15.46
C GLY A 281 6.66 3.25 -14.42
N VAL A 282 6.57 4.32 -13.65
CA VAL A 282 5.48 4.45 -12.69
C VAL A 282 4.72 5.72 -13.03
N GLY A 283 3.46 5.75 -12.62
CA GLY A 283 2.57 6.85 -12.96
C GLY A 283 1.34 6.75 -12.09
N ALA A 284 0.67 7.88 -11.94
CA ALA A 284 -0.43 8.00 -11.00
C ALA A 284 -1.76 7.99 -11.74
N TYR A 285 -2.84 7.67 -11.01
CA TYR A 285 -4.16 7.67 -11.65
C TYR A 285 -4.50 9.03 -12.23
N PHE A 286 -4.16 10.11 -11.51
CA PHE A 286 -4.46 11.42 -12.08
C PHE A 286 -3.61 11.76 -13.29
N GLU A 287 -2.57 10.97 -13.59
CA GLU A 287 -1.85 11.14 -14.84
C GLU A 287 -2.46 10.29 -15.94
N PHE A 288 -2.92 9.09 -15.61
CA PHE A 288 -3.56 8.23 -16.60
C PHE A 288 -4.83 8.85 -17.15
N CYS A 289 -5.64 9.49 -16.28
CA CYS A 289 -6.87 10.13 -16.73
C CYS A 289 -6.58 11.17 -17.81
N GLU A 290 -5.44 11.87 -17.70
CA GLU A 290 -5.12 12.87 -18.72
C GLU A 290 -4.64 12.22 -20.00
N MET A 291 -3.95 11.07 -19.90
CA MET A 291 -3.60 10.32 -21.09
C MET A 291 -4.85 9.91 -21.86
N LEU A 292 -5.87 9.47 -21.14
CA LEU A 292 -7.13 9.08 -21.77
C LEU A 292 -7.78 10.27 -22.46
N ALA A 293 -7.63 11.46 -21.87
CA ALA A 293 -8.18 12.65 -22.49
C ALA A 293 -7.36 13.10 -23.69
N ASN A 294 -6.06 12.80 -23.70
CA ASN A 294 -5.15 13.26 -24.75
C ASN A 294 -4.98 12.27 -25.89
N GLY A 295 -5.81 11.24 -25.99
CA GLY A 295 -5.78 10.35 -27.13
C GLY A 295 -5.42 8.91 -26.85
N ALA A 296 -5.01 8.54 -25.63
CA ALA A 296 -4.69 7.15 -25.35
C ALA A 296 -5.93 6.28 -25.47
N THR A 297 -5.74 5.06 -26.00
CA THR A 297 -6.86 4.14 -26.16
C THR A 297 -6.93 3.22 -24.95
N ARG A 298 -8.11 3.13 -24.34
CA ARG A 298 -8.32 2.28 -23.19
C ARG A 298 -8.74 0.88 -23.61
N TYR A 299 -8.12 -0.13 -23.01
CA TYR A 299 -8.40 -1.53 -23.27
C TYR A 299 -8.78 -2.20 -21.96
N TRP A 300 -9.56 -3.26 -22.04
CA TRP A 300 -9.95 -4.01 -20.86
C TRP A 300 -9.52 -5.45 -21.04
N ASP A 301 -8.73 -5.95 -20.09
CA ASP A 301 -8.29 -7.34 -20.11
C ASP A 301 -9.35 -8.18 -19.40
N SER A 302 -10.13 -8.94 -20.17
CA SER A 302 -11.24 -9.69 -19.62
C SER A 302 -10.78 -10.82 -18.70
N GLN A 303 -9.65 -11.48 -19.02
CA GLN A 303 -9.20 -12.58 -18.17
C GLN A 303 -8.66 -12.07 -16.83
N SER A 304 -7.87 -11.00 -16.85
CA SER A 304 -7.29 -10.45 -15.63
C SER A 304 -8.16 -9.35 -15.01
N GLN A 305 -9.21 -8.93 -15.70
CA GLN A 305 -10.19 -7.96 -15.18
C GLN A 305 -9.52 -6.67 -14.74
N VAL A 306 -8.60 -6.15 -15.57
CA VAL A 306 -7.98 -4.85 -15.32
C VAL A 306 -7.74 -4.13 -16.65
N PRO A 307 -7.70 -2.80 -16.62
CA PRO A 307 -7.49 -2.05 -17.85
C PRO A 307 -6.03 -1.89 -18.23
N TYR A 308 -5.81 -1.51 -19.48
CA TYR A 308 -4.55 -0.94 -19.91
C TYR A 308 -4.84 0.09 -20.98
N LEU A 309 -3.92 1.04 -21.13
CA LEU A 309 -4.08 2.05 -22.17
C LEU A 309 -2.83 2.11 -23.03
N VAL A 310 -3.03 2.56 -24.27
CA VAL A 310 -1.96 2.64 -25.25
C VAL A 310 -2.03 4.01 -25.91
N GLN A 311 -0.88 4.68 -25.99
CA GLN A 311 -0.82 5.97 -26.66
C GLN A 311 0.55 6.04 -27.32
N GLY A 312 0.57 5.88 -28.65
CA GLY A 312 1.84 5.75 -29.34
C GLY A 312 2.57 4.49 -28.90
N ASN A 313 3.82 4.66 -28.49
CA ASN A 313 4.66 3.57 -28.00
C ASN A 313 4.58 3.39 -26.48
N GLN A 314 3.65 4.09 -25.81
CA GLN A 314 3.52 4.04 -24.37
C GLN A 314 2.42 3.06 -23.99
N TRP A 315 2.77 2.05 -23.22
CA TRP A 315 1.84 1.01 -22.80
C TRP A 315 1.79 1.05 -21.28
N TRP A 316 0.57 1.20 -20.74
CA TRP A 316 0.38 1.43 -19.31
C TRP A 316 -0.64 0.45 -18.76
N SER A 317 -0.24 -0.27 -17.70
CA SER A 317 -1.15 -1.05 -16.88
C SER A 317 -1.52 -0.25 -15.64
N TYR A 318 -2.81 -0.13 -15.39
CA TYR A 318 -3.26 0.68 -14.25
C TYR A 318 -4.55 0.10 -13.72
N ASP A 319 -5.14 0.80 -12.75
CA ASP A 319 -6.43 0.43 -12.19
C ASP A 319 -7.36 1.63 -12.24
N ASP A 320 -8.63 1.33 -12.44
CA ASP A 320 -9.67 2.36 -12.58
C ASP A 320 -10.89 1.98 -11.74
N GLU A 321 -11.98 2.70 -11.96
CA GLU A 321 -13.26 2.52 -11.22
C GLU A 321 -13.83 1.10 -11.44
N GLU A 322 -13.65 0.55 -12.63
CA GLU A 322 -14.21 -0.78 -12.98
C GLU A 322 -13.38 -1.88 -12.32
N SER A 323 -12.07 -1.78 -12.43
CA SER A 323 -11.24 -2.82 -11.82
C SER A 323 -11.37 -2.79 -10.30
N PHE A 324 -11.52 -1.60 -9.72
CA PHE A 324 -11.68 -1.49 -8.28
C PHE A 324 -12.98 -2.14 -7.82
N ALA A 325 -14.07 -1.87 -8.52
CA ALA A 325 -15.36 -2.44 -8.12
C ALA A 325 -15.37 -3.95 -8.31
N ASN A 326 -14.59 -4.45 -9.26
CA ASN A 326 -14.54 -5.92 -9.53
C ASN A 326 -13.70 -6.62 -8.47
N LYS A 327 -12.70 -5.93 -7.97
CA LYS A 327 -11.84 -6.49 -6.90
C LYS A 327 -12.61 -6.40 -5.58
N MET A 328 -13.47 -5.42 -5.44
CA MET A 328 -14.22 -5.32 -4.20
C MET A 328 -15.30 -6.39 -4.14
N ALA A 329 -15.97 -6.64 -5.27
CA ALA A 329 -16.88 -7.79 -5.34
C ALA A 329 -16.12 -9.08 -5.14
N TYR A 330 -14.85 -9.10 -5.56
CA TYR A 330 -14.02 -10.27 -5.31
C TYR A 330 -13.73 -10.44 -3.83
N VAL A 331 -13.43 -9.35 -3.13
CA VAL A 331 -13.10 -9.42 -1.70
C VAL A 331 -14.29 -9.92 -0.92
N LYS A 332 -15.49 -9.45 -1.28
CA LYS A 332 -16.70 -9.82 -0.56
C LYS A 332 -17.09 -11.27 -0.84
N ARG A 333 -17.05 -11.68 -2.10
CA ARG A 333 -17.46 -13.02 -2.48
C ARG A 333 -16.59 -14.07 -1.80
N GLU A 334 -15.29 -13.77 -1.67
CA GLU A 334 -14.33 -14.71 -1.12
C GLU A 334 -14.09 -14.52 0.38
N GLY A 335 -14.56 -13.41 0.96
CA GLY A 335 -14.59 -13.30 2.41
C GLY A 335 -13.32 -12.84 3.07
N TYR A 336 -12.54 -12.00 2.41
CA TYR A 336 -11.32 -11.47 3.01
C TYR A 336 -11.64 -10.29 3.93
N GLY A 337 -10.64 -9.89 4.72
CA GLY A 337 -10.85 -8.92 5.77
C GLY A 337 -11.11 -7.51 5.30
N GLY A 338 -10.84 -7.21 4.05
CA GLY A 338 -11.05 -5.88 3.51
C GLY A 338 -9.98 -5.57 2.47
N ALA A 339 -9.70 -4.27 2.30
CA ALA A 339 -8.75 -3.86 1.27
C ALA A 339 -8.11 -2.53 1.63
N PHE A 340 -6.84 -2.39 1.29
CA PHE A 340 -6.04 -1.22 1.61
C PHE A 340 -5.50 -0.61 0.32
N VAL A 341 -5.09 0.64 0.43
CA VAL A 341 -4.71 1.34 -0.83
C VAL A 341 -3.30 1.89 -0.69
N TRP A 342 -2.52 1.67 -1.74
CA TRP A 342 -1.21 2.31 -1.91
C TRP A 342 -1.33 3.16 -3.19
N THR A 343 -1.60 4.45 -3.10
CA THR A 343 -1.61 5.31 -1.89
C THR A 343 -2.76 6.32 -1.99
N LEU A 344 -2.99 7.14 -0.98
CA LEU A 344 -4.03 8.20 -1.08
C LEU A 344 -3.62 9.21 -2.16
N ASP A 345 -2.33 9.51 -2.23
CA ASP A 345 -1.79 10.59 -3.10
C ASP A 345 -1.80 10.29 -4.61
N PHE A 346 -1.98 9.05 -5.05
CA PHE A 346 -1.99 8.72 -6.47
C PHE A 346 -3.40 8.68 -7.06
N ASP A 347 -4.42 8.54 -6.22
CA ASP A 347 -5.80 8.76 -6.64
C ASP A 347 -5.97 10.22 -7.05
N ASP A 348 -7.01 10.48 -7.85
CA ASP A 348 -7.34 11.88 -8.13
C ASP A 348 -8.00 12.43 -6.86
N PHE A 349 -7.15 12.72 -5.87
CA PHE A 349 -7.62 13.04 -4.53
C PHE A 349 -8.29 14.39 -4.43
N ASN A 350 -8.22 15.21 -5.48
CA ASN A 350 -8.82 16.53 -5.41
C ASN A 350 -9.76 16.78 -6.58
N ALA A 351 -10.25 15.72 -7.21
CA ALA A 351 -11.08 15.84 -8.42
C ALA A 351 -10.48 16.86 -9.37
N GLY A 352 -9.17 16.72 -9.63
CA GLY A 352 -8.41 17.63 -10.46
C GLY A 352 -8.11 17.18 -11.87
N CYS A 353 -8.60 15.99 -12.21
CA CYS A 353 -8.44 15.54 -13.61
C CYS A 353 -9.30 16.48 -14.46
N SER A 354 -8.85 16.81 -15.67
CA SER A 354 -9.64 17.71 -16.55
C SER A 354 -11.00 17.09 -16.91
N ASN A 355 -11.01 15.78 -17.06
CA ASN A 355 -12.12 14.83 -17.34
C ASN A 355 -13.00 14.64 -16.09
N SER A 356 -12.58 15.10 -14.91
CA SER A 356 -13.30 14.71 -13.69
C SER A 356 -14.71 15.26 -13.63
N ASN A 357 -15.66 14.41 -13.25
CA ASN A 357 -17.03 14.85 -13.00
C ASN A 357 -17.17 15.54 -11.65
N GLY A 358 -16.10 15.59 -10.86
CA GLY A 358 -16.15 16.16 -9.53
C GLY A 358 -15.94 15.16 -8.42
N GLN A 359 -16.03 13.86 -8.69
CA GLN A 359 -15.84 12.89 -7.61
C GLN A 359 -14.44 12.98 -7.00
N LEU A 360 -14.37 13.25 -5.71
CA LEU A 360 -13.11 13.12 -4.99
C LEU A 360 -12.77 11.65 -4.82
N TYR A 361 -11.50 11.30 -5.04
CA TYR A 361 -11.04 9.93 -4.90
C TYR A 361 -11.92 8.98 -5.72
N PRO A 362 -11.93 9.12 -7.05
CA PRO A 362 -12.77 8.22 -7.84
C PRO A 362 -12.43 6.75 -7.64
N LEU A 363 -11.15 6.43 -7.34
CA LEU A 363 -10.78 5.03 -7.14
C LEU A 363 -11.08 4.60 -5.71
N ILE A 364 -10.52 5.32 -4.74
CA ILE A 364 -10.67 4.90 -3.35
C ILE A 364 -12.13 4.98 -2.91
N SER A 365 -12.91 5.89 -3.51
CA SER A 365 -14.33 6.01 -3.15
C SER A 365 -15.07 4.69 -3.35
N VAL A 366 -14.65 3.89 -4.32
CA VAL A 366 -15.36 2.63 -4.57
C VAL A 366 -15.15 1.65 -3.43
N ILE A 367 -14.07 1.83 -2.67
CA ILE A 367 -13.79 0.95 -1.56
C ILE A 367 -14.57 1.38 -0.35
N ALA A 368 -14.62 2.69 -0.11
CA ALA A 368 -15.52 3.24 0.90
C ALA A 368 -16.96 2.79 0.66
N LYS A 369 -17.42 2.95 -0.56
CA LYS A 369 -18.84 2.60 -0.72
C LYS A 369 -19.06 1.08 -0.82
N GLU A 370 -18.28 0.32 -1.55
CA GLU A 370 -18.61 -1.09 -1.72
C GLU A 370 -18.20 -1.93 -0.52
N LEU A 371 -17.21 -1.50 0.27
CA LEU A 371 -16.86 -2.24 1.47
C LEU A 371 -17.35 -1.59 2.73
N GLY A 372 -17.56 -0.27 2.73
CA GLY A 372 -17.93 0.42 3.95
C GLY A 372 -19.35 0.97 3.96
N GLY A 373 -19.99 1.01 2.79
CA GLY A 373 -21.26 1.69 2.65
C GLY A 373 -21.18 3.20 2.79
N VAL A 374 -20.04 3.79 2.46
CA VAL A 374 -19.76 5.20 2.68
C VAL A 374 -19.83 5.91 1.34
N ILE A 375 -20.59 7.00 1.27
CA ILE A 375 -20.65 7.78 0.04
C ILE A 375 -19.75 8.99 0.22
N ILE A 376 -18.68 9.02 -0.56
CA ILE A 376 -17.71 10.12 -0.55
C ILE A 376 -18.27 11.27 -1.36
N PRO A 377 -18.27 12.50 -0.85
CA PRO A 377 -18.92 13.60 -1.56
C PRO A 377 -18.18 13.98 -2.83
N LYS A 378 -18.93 14.62 -3.73
CA LYS A 378 -18.32 15.30 -4.85
C LYS A 378 -17.73 16.61 -4.36
N LYS A 379 -16.73 17.12 -5.09
CA LYS A 379 -16.12 18.40 -4.71
C LYS A 379 -17.11 19.54 -5.00
N GLY A 380 -16.98 20.67 -4.30
CA GLY A 380 -17.88 21.80 -4.58
C GLY A 380 -18.95 22.00 -3.54
N GLY A 381 -19.77 23.03 -3.74
CA GLY A 381 -20.89 23.39 -2.85
C GLY A 381 -21.26 22.27 -1.91
#